data_2ECQ
#
_entry.id   2ECQ
#
_cell.length_a   104.531
_cell.length_b   104.531
_cell.length_c   79.802
_cell.angle_alpha   90.00
_cell.angle_beta   90.00
_cell.angle_gamma   120.00
#
_symmetry.space_group_name_H-M   'P 31 2 1'
#
loop_
_entity.id
_entity.type
_entity.pdbx_description
1 polymer 'O-acetylserine (Thiol)-lyase'
2 non-polymer "PYRIDOXAL-5'-PHOSPHATE"
3 non-polymer '(3S)-3-HYDROXYBUTANOIC ACID'
4 water water
#
_entity_poly.entity_id   1
_entity_poly.type   'polypeptide(L)'
_entity_poly.pdbx_seq_one_letter_code
;MRVEGAIGKTPVVRLAKVVEPDMAEVWVKLEGLNPGGSIKDRPAWYMIKDAEERGILRPGSGQVIVEPTSGNTGIGLAMI
AASRGYRLILTMPAQMSEERKRVLKAFGAELVLTDPERRMLAAREEALRLKEELGAFMPDQFKNPANVRAHYETTGPELY
EALEGRIDAFVYGSGTGGTITGVGRYLKERIPHVKVIAVEPARSNVLSGGKMGQHGFQGMGPGFIPENLDLSLLDGVIQV
WEEDAFPLARRLAREEGLFLGMSSGGIVWAALQVARELGPGKRVACISPDGGWKYLSTPLYAEP
;
_entity_poly.pdbx_strand_id   A
#
# COMPACT_ATOMS: atom_id res chain seq x y z
N MET A 1 13.44 21.04 7.67
CA MET A 1 12.96 19.66 7.37
C MET A 1 12.49 19.60 5.92
N ARG A 2 12.71 18.46 5.26
CA ARG A 2 12.27 18.31 3.89
C ARG A 2 11.06 17.39 3.83
N VAL A 3 10.42 17.31 2.66
CA VAL A 3 9.20 16.51 2.52
C VAL A 3 9.31 15.08 3.05
N GLU A 4 10.45 14.43 2.85
CA GLU A 4 10.61 13.05 3.35
C GLU A 4 10.45 13.01 4.86
N GLY A 5 10.72 14.14 5.51
CA GLY A 5 10.58 14.20 6.96
C GLY A 5 9.12 14.32 7.39
N ALA A 6 8.24 14.63 6.44
CA ALA A 6 6.81 14.78 6.74
C ALA A 6 6.05 13.46 6.56
N ILE A 7 6.79 12.39 6.28
CA ILE A 7 6.19 11.07 6.09
C ILE A 7 5.91 10.37 7.43
N GLY A 8 4.74 9.74 7.53
CA GLY A 8 4.40 9.01 8.74
C GLY A 8 3.63 9.75 9.82
N LYS A 9 3.59 9.15 11.01
CA LYS A 9 2.89 9.72 12.14
C LYS A 9 1.45 10.06 11.77
N THR A 10 0.81 9.14 11.06
CA THR A 10 -0.57 9.31 10.61
C THR A 10 -1.55 8.96 11.72
N PRO A 11 -2.74 9.59 11.71
CA PRO A 11 -3.77 9.34 12.71
C PRO A 11 -4.58 8.07 12.49
N VAL A 12 -5.24 7.63 13.56
CA VAL A 12 -6.08 6.45 13.51
C VAL A 12 -7.46 6.89 14.02
N VAL A 13 -8.50 6.57 13.26
CA VAL A 13 -9.85 6.95 13.65
C VAL A 13 -10.71 5.72 13.91
N ARG A 14 -11.67 5.85 14.83
CA ARG A 14 -12.56 4.73 15.14
C ARG A 14 -13.88 4.91 14.42
N LEU A 15 -14.30 3.88 13.68
CA LEU A 15 -15.55 3.93 12.95
C LEU A 15 -16.71 3.95 13.94
N ALA A 16 -17.78 4.66 13.60
CA ALA A 16 -18.93 4.76 14.50
C ALA A 16 -20.30 4.57 13.85
N LYS A 17 -20.37 4.68 12.53
CA LYS A 17 -21.65 4.54 11.83
C LYS A 17 -21.82 3.25 11.03
N VAL A 18 -20.79 2.83 10.31
CA VAL A 18 -20.89 1.60 9.52
C VAL A 18 -20.74 0.34 10.37
N VAL A 19 -20.40 0.53 11.64
CA VAL A 19 -20.25 -0.60 12.54
C VAL A 19 -21.54 -0.83 13.30
N GLU A 20 -21.68 -2.03 13.88
CA GLU A 20 -22.86 -2.38 14.64
C GLU A 20 -22.45 -2.75 16.06
N PRO A 21 -23.36 -2.60 17.03
CA PRO A 21 -23.12 -2.90 18.44
C PRO A 21 -22.54 -4.29 18.73
N ASP A 22 -22.85 -5.27 17.88
CA ASP A 22 -22.37 -6.63 18.09
C ASP A 22 -20.95 -6.82 17.53
N MET A 23 -20.36 -5.74 17.05
CA MET A 23 -19.01 -5.80 16.49
C MET A 23 -17.94 -5.30 17.44
N ALA A 24 -16.71 -5.75 17.21
CA ALA A 24 -15.58 -5.30 18.00
C ALA A 24 -15.32 -3.89 17.49
N GLU A 25 -14.49 -3.14 18.18
CA GLU A 25 -14.16 -1.78 17.73
C GLU A 25 -13.37 -1.92 16.44
N VAL A 26 -13.52 -0.95 15.54
CA VAL A 26 -12.79 -0.98 14.28
C VAL A 26 -12.05 0.34 14.12
N TRP A 27 -10.72 0.27 14.12
CA TRP A 27 -9.88 1.45 13.98
C TRP A 27 -9.20 1.43 12.61
N VAL A 28 -9.12 2.61 11.98
CA VAL A 28 -8.53 2.73 10.66
C VAL A 28 -7.43 3.78 10.65
N LYS A 29 -6.21 3.37 10.29
CA LYS A 29 -5.06 4.27 10.22
C LYS A 29 -5.07 4.90 8.82
N LEU A 30 -5.10 6.24 8.78
CA LEU A 30 -5.19 6.97 7.51
C LEU A 30 -3.86 7.32 6.84
N GLU A 31 -3.37 6.41 5.99
CA GLU A 31 -2.10 6.63 5.31
C GLU A 31 -2.19 7.57 4.12
N GLY A 32 -3.41 7.97 3.77
CA GLY A 32 -3.59 8.90 2.67
C GLY A 32 -3.14 10.29 3.07
N LEU A 33 -2.89 10.50 4.36
CA LEU A 33 -2.46 11.81 4.84
C LEU A 33 -0.96 12.01 4.77
N ASN A 34 -0.29 11.22 3.93
CA ASN A 34 1.14 11.35 3.74
C ASN A 34 1.36 12.34 2.60
N PRO A 35 2.53 13.00 2.56
CA PRO A 35 2.82 13.98 1.51
C PRO A 35 2.68 13.45 0.08
N GLY A 36 2.93 12.17 -0.11
CA GLY A 36 2.82 11.56 -1.42
C GLY A 36 1.42 11.04 -1.67
N GLY A 37 0.56 11.18 -0.66
CA GLY A 37 -0.82 10.74 -0.80
C GLY A 37 -1.14 9.29 -0.44
N SER A 38 -0.14 8.51 -0.01
CA SER A 38 -0.41 7.12 0.32
C SER A 38 0.62 6.48 1.23
N ILE A 39 0.31 5.27 1.66
CA ILE A 39 1.20 4.50 2.53
C ILE A 39 2.54 4.20 1.86
N LYS A 40 2.57 4.22 0.52
CA LYS A 40 3.80 3.94 -0.21
C LYS A 40 4.93 4.94 0.02
N ASP A 41 4.62 6.07 0.62
CA ASP A 41 5.66 7.06 0.92
C ASP A 41 6.71 6.39 1.81
N ARG A 42 6.25 5.57 2.74
CA ARG A 42 7.13 4.88 3.68
C ARG A 42 8.13 3.95 3.01
N PRO A 43 7.66 2.97 2.22
CA PRO A 43 8.64 2.09 1.57
C PRO A 43 9.49 2.80 0.52
N ALA A 44 8.92 3.82 -0.13
CA ALA A 44 9.67 4.55 -1.15
C ALA A 44 10.87 5.23 -0.48
N TRP A 45 10.62 5.90 0.63
CA TRP A 45 11.67 6.58 1.38
C TRP A 45 12.66 5.55 1.93
N TYR A 46 12.15 4.50 2.56
CA TYR A 46 13.03 3.48 3.12
C TYR A 46 13.93 2.78 2.11
N MET A 47 13.40 2.45 0.94
CA MET A 47 14.21 1.77 -0.07
C MET A 47 15.31 2.70 -0.58
N ILE A 48 14.99 3.99 -0.71
CA ILE A 48 15.98 4.95 -1.17
C ILE A 48 17.00 5.23 -0.06
N LYS A 49 16.51 5.44 1.16
CA LYS A 49 17.42 5.71 2.28
C LYS A 49 18.32 4.50 2.54
N ASP A 50 17.76 3.31 2.38
CA ASP A 50 18.52 2.08 2.58
C ASP A 50 19.65 1.98 1.55
N ALA A 51 19.34 2.38 0.32
CA ALA A 51 20.32 2.37 -0.77
C ALA A 51 21.43 3.37 -0.49
N GLU A 52 21.08 4.49 0.13
CA GLU A 52 22.08 5.51 0.45
C GLU A 52 22.99 4.97 1.55
N GLU A 53 22.38 4.32 2.55
CA GLU A 53 23.14 3.76 3.66
C GLU A 53 24.10 2.68 3.22
N ARG A 54 23.70 1.90 2.22
CA ARG A 54 24.53 0.82 1.71
C ARG A 54 25.57 1.33 0.71
N GLY A 55 25.52 2.62 0.41
CA GLY A 55 26.49 3.20 -0.52
C GLY A 55 26.14 3.11 -1.99
N ILE A 56 24.96 2.56 -2.30
CA ILE A 56 24.54 2.45 -3.69
C ILE A 56 24.26 3.84 -4.24
N LEU A 57 23.66 4.68 -3.41
CA LEU A 57 23.31 6.03 -3.80
C LEU A 57 23.83 7.06 -2.80
N ARG A 58 23.83 8.32 -3.22
CA ARG A 58 24.18 9.44 -2.37
C ARG A 58 23.32 10.56 -2.97
N PRO A 59 22.54 11.23 -2.12
CA PRO A 59 21.64 12.32 -2.55
C PRO A 59 22.30 13.50 -3.28
N GLY A 60 21.56 14.09 -4.20
CA GLY A 60 22.05 15.23 -4.96
C GLY A 60 23.04 14.86 -6.06
N SER A 61 23.13 13.56 -6.33
CA SER A 61 24.06 13.04 -7.33
C SER A 61 23.48 13.00 -8.73
N GLY A 62 22.16 12.95 -8.84
CA GLY A 62 21.54 12.88 -10.14
C GLY A 62 21.55 11.45 -10.64
N GLN A 63 21.92 10.52 -9.76
CA GLN A 63 21.95 9.11 -10.11
C GLN A 63 20.57 8.66 -10.56
N VAL A 64 20.53 7.62 -11.38
CA VAL A 64 19.28 7.10 -11.92
C VAL A 64 18.66 5.99 -11.10
N ILE A 65 17.34 6.09 -10.91
CA ILE A 65 16.55 5.10 -10.19
C ILE A 65 15.48 4.68 -11.20
N VAL A 66 15.23 3.38 -11.32
CA VAL A 66 14.22 2.90 -12.26
C VAL A 66 13.35 1.85 -11.58
N GLU A 67 12.04 1.95 -11.80
CA GLU A 67 11.11 1.00 -11.21
C GLU A 67 9.90 0.83 -12.12
N PRO A 68 9.45 -0.43 -12.30
CA PRO A 68 8.28 -0.68 -13.15
C PRO A 68 6.99 -0.52 -12.36
N THR A 69 6.52 0.72 -12.26
CA THR A 69 5.29 1.01 -11.52
C THR A 69 4.71 2.36 -11.92
N SER A 70 3.39 2.46 -11.89
CA SER A 70 2.69 3.70 -12.19
C SER A 70 1.74 3.99 -11.03
N GLY A 71 1.84 3.16 -10.00
CA GLY A 71 0.97 3.30 -8.84
C GLY A 71 1.51 4.18 -7.73
N ASN A 72 1.00 3.99 -6.52
CA ASN A 72 1.43 4.79 -5.38
C ASN A 72 2.93 4.72 -5.14
N THR A 73 3.54 3.57 -5.43
CA THR A 73 4.99 3.44 -5.25
C THR A 73 5.68 4.40 -6.20
N GLY A 74 5.15 4.50 -7.42
CA GLY A 74 5.73 5.40 -8.40
C GLY A 74 5.64 6.85 -7.92
N ILE A 75 4.50 7.20 -7.34
CA ILE A 75 4.30 8.56 -6.83
C ILE A 75 5.25 8.82 -5.66
N GLY A 76 5.37 7.87 -4.75
CA GLY A 76 6.25 8.03 -3.62
C GLY A 76 7.71 8.16 -4.03
N LEU A 77 8.13 7.31 -4.95
CA LEU A 77 9.50 7.36 -5.44
C LEU A 77 9.78 8.69 -6.15
N ALA A 78 8.79 9.15 -6.92
CA ALA A 78 8.92 10.40 -7.66
C ALA A 78 9.11 11.58 -6.69
N MET A 79 8.33 11.59 -5.62
CA MET A 79 8.42 12.64 -4.62
C MET A 79 9.82 12.66 -4.00
N ILE A 80 10.28 11.49 -3.56
CA ILE A 80 11.59 11.38 -2.94
C ILE A 80 12.72 11.71 -3.90
N ALA A 81 12.62 11.26 -5.14
CA ALA A 81 13.65 11.54 -6.14
C ALA A 81 13.72 13.04 -6.42
N ALA A 82 12.57 13.70 -6.43
CA ALA A 82 12.54 15.13 -6.68
C ALA A 82 13.22 15.85 -5.53
N SER A 83 12.88 15.46 -4.31
CA SER A 83 13.46 16.08 -3.13
C SER A 83 14.95 15.82 -2.94
N ARG A 84 15.40 14.60 -3.20
CA ARG A 84 16.80 14.27 -2.97
C ARG A 84 17.72 14.32 -4.18
N GLY A 85 17.20 14.81 -5.31
CA GLY A 85 18.02 14.95 -6.50
C GLY A 85 18.42 13.72 -7.29
N TYR A 86 17.49 12.80 -7.48
CA TYR A 86 17.76 11.61 -8.29
C TYR A 86 16.93 11.71 -9.56
N ARG A 87 17.42 11.05 -10.61
CA ARG A 87 16.70 11.02 -11.87
C ARG A 87 15.86 9.75 -11.82
N LEU A 88 14.54 9.88 -11.85
CA LEU A 88 13.67 8.73 -11.78
C LEU A 88 13.00 8.39 -13.10
N ILE A 89 13.06 7.12 -13.48
CA ILE A 89 12.43 6.65 -14.69
C ILE A 89 11.43 5.57 -14.27
N LEU A 90 10.19 5.73 -14.67
CA LEU A 90 9.16 4.76 -14.35
C LEU A 90 8.65 4.12 -15.63
N THR A 91 8.61 2.79 -15.65
CA THR A 91 8.12 2.09 -16.83
C THR A 91 6.70 1.62 -16.52
N MET A 92 5.84 1.67 -17.53
CA MET A 92 4.44 1.28 -17.35
C MET A 92 3.75 1.07 -18.68
N PRO A 93 2.68 0.26 -18.70
CA PRO A 93 1.93 0.00 -19.93
C PRO A 93 1.43 1.31 -20.55
N ALA A 94 1.45 1.38 -21.88
CA ALA A 94 1.03 2.57 -22.62
C ALA A 94 -0.43 2.99 -22.42
N GLN A 95 -1.25 2.11 -21.86
CA GLN A 95 -2.65 2.44 -21.64
C GLN A 95 -2.90 3.18 -20.32
N MET A 96 -1.83 3.70 -19.71
CA MET A 96 -1.95 4.43 -18.44
C MET A 96 -2.80 5.67 -18.60
N SER A 97 -3.65 5.94 -17.60
CA SER A 97 -4.53 7.11 -17.65
C SER A 97 -3.71 8.40 -17.62
N GLU A 98 -4.21 9.41 -18.32
CA GLU A 98 -3.54 10.70 -18.39
C GLU A 98 -3.43 11.33 -17.00
N GLU A 99 -4.45 11.13 -16.17
CA GLU A 99 -4.46 11.69 -14.83
C GLU A 99 -3.23 11.23 -14.04
N ARG A 100 -3.00 9.92 -14.01
CA ARG A 100 -1.87 9.37 -13.28
C ARG A 100 -0.54 9.83 -13.88
N LYS A 101 -0.46 9.85 -15.20
CA LYS A 101 0.76 10.29 -15.87
C LYS A 101 1.08 11.74 -15.48
N ARG A 102 0.05 12.57 -15.33
CA ARG A 102 0.26 13.96 -14.96
C ARG A 102 0.82 14.09 -13.55
N VAL A 103 0.37 13.22 -12.64
CA VAL A 103 0.87 13.26 -11.26
C VAL A 103 2.35 12.90 -11.25
N LEU A 104 2.70 11.81 -11.93
CA LEU A 104 4.10 11.38 -11.97
C LEU A 104 5.00 12.41 -12.62
N LYS A 105 4.54 12.99 -13.75
CA LYS A 105 5.34 13.99 -14.44
C LYS A 105 5.45 15.29 -13.65
N ALA A 106 4.46 15.57 -12.81
CA ALA A 106 4.50 16.78 -12.00
C ALA A 106 5.71 16.69 -11.07
N PHE A 107 5.99 15.49 -10.58
CA PHE A 107 7.12 15.26 -9.70
C PHE A 107 8.44 15.15 -10.47
N GLY A 108 8.37 15.27 -11.79
CA GLY A 108 9.58 15.20 -12.59
C GLY A 108 10.04 13.81 -13.01
N ALA A 109 9.21 12.80 -12.78
CA ALA A 109 9.57 11.44 -13.17
C ALA A 109 9.49 11.32 -14.68
N GLU A 110 10.41 10.55 -15.26
CA GLU A 110 10.42 10.32 -16.70
C GLU A 110 9.63 9.04 -16.90
N LEU A 111 8.70 9.05 -17.84
CA LEU A 111 7.87 7.87 -18.07
C LEU A 111 8.21 7.15 -19.38
N VAL A 112 8.29 5.83 -19.30
CA VAL A 112 8.55 5.01 -20.47
C VAL A 112 7.33 4.11 -20.62
N LEU A 113 6.56 4.35 -21.69
CA LEU A 113 5.35 3.60 -21.96
C LEU A 113 5.66 2.36 -22.78
N THR A 114 5.33 1.20 -22.23
CA THR A 114 5.61 -0.07 -22.88
C THR A 114 4.40 -0.75 -23.53
N ASP A 115 4.67 -1.80 -24.29
CA ASP A 115 3.65 -2.58 -25.00
C ASP A 115 2.37 -2.80 -24.19
N PRO A 116 1.27 -2.15 -24.61
CA PRO A 116 0.00 -2.29 -23.91
C PRO A 116 -0.54 -3.71 -23.85
N GLU A 117 -0.13 -4.54 -24.82
CA GLU A 117 -0.60 -5.92 -24.85
C GLU A 117 0.18 -6.83 -23.89
N ARG A 118 1.43 -6.46 -23.60
CA ARG A 118 2.26 -7.26 -22.71
C ARG A 118 2.11 -6.86 -21.25
N ARG A 119 1.24 -5.90 -20.98
CA ARG A 119 0.97 -5.43 -19.63
C ARG A 119 2.22 -5.29 -18.75
N MET A 120 2.11 -5.72 -17.50
CA MET A 120 3.22 -5.63 -16.55
C MET A 120 4.53 -6.28 -17.00
N LEU A 121 4.43 -7.35 -17.77
CA LEU A 121 5.63 -8.04 -18.25
C LEU A 121 6.57 -7.12 -19.02
N ALA A 122 6.02 -6.35 -19.96
CA ALA A 122 6.84 -5.46 -20.77
C ALA A 122 7.43 -4.33 -19.92
N ALA A 123 6.68 -3.87 -18.92
CA ALA A 123 7.15 -2.81 -18.05
C ALA A 123 8.36 -3.31 -17.25
N ARG A 124 8.25 -4.54 -16.72
CA ARG A 124 9.34 -5.13 -15.96
C ARG A 124 10.58 -5.30 -16.83
N GLU A 125 10.39 -5.76 -18.06
CA GLU A 125 11.50 -5.96 -18.98
C GLU A 125 12.24 -4.67 -19.29
N GLU A 126 11.51 -3.60 -19.55
CA GLU A 126 12.15 -2.31 -19.86
C GLU A 126 12.92 -1.79 -18.65
N ALA A 127 12.37 -1.99 -17.45
CA ALA A 127 13.03 -1.54 -16.23
C ALA A 127 14.35 -2.28 -16.06
N LEU A 128 14.33 -3.58 -16.32
CA LEU A 128 15.54 -4.39 -16.22
C LEU A 128 16.55 -3.97 -17.27
N ARG A 129 16.07 -3.66 -18.48
CA ARG A 129 16.95 -3.24 -19.57
C ARG A 129 17.66 -1.94 -19.19
N LEU A 130 16.90 -1.00 -18.62
CA LEU A 130 17.45 0.29 -18.22
C LEU A 130 18.43 0.13 -17.06
N LYS A 131 18.11 -0.76 -16.12
CA LYS A 131 19.00 -0.99 -14.99
C LYS A 131 20.35 -1.47 -15.52
N GLU A 132 20.30 -2.38 -16.49
CA GLU A 132 21.50 -2.93 -17.10
C GLU A 132 22.25 -1.89 -17.94
N GLU A 133 21.53 -1.21 -18.81
CA GLU A 133 22.13 -0.20 -19.69
C GLU A 133 22.73 1.00 -18.95
N LEU A 134 22.03 1.48 -17.94
CA LEU A 134 22.48 2.64 -17.18
C LEU A 134 23.15 2.36 -15.84
N GLY A 135 23.15 1.09 -15.42
CA GLY A 135 23.74 0.78 -14.12
C GLY A 135 22.92 1.52 -13.06
N ALA A 136 21.62 1.61 -13.30
CA ALA A 136 20.73 2.31 -12.39
C ALA A 136 20.30 1.47 -11.19
N PHE A 137 19.71 2.13 -10.21
CA PHE A 137 19.24 1.46 -9.01
C PHE A 137 17.76 1.15 -9.16
N MET A 138 17.37 -0.10 -8.95
CA MET A 138 15.97 -0.47 -9.04
C MET A 138 15.50 -0.89 -7.66
N PRO A 139 14.62 -0.10 -7.04
CA PRO A 139 14.10 -0.40 -5.71
C PRO A 139 13.63 -1.85 -5.58
N ASP A 140 12.93 -2.36 -6.58
CA ASP A 140 12.45 -3.75 -6.56
C ASP A 140 11.51 -3.94 -5.37
N GLN A 141 10.44 -3.14 -5.37
CA GLN A 141 9.47 -3.14 -4.27
C GLN A 141 8.89 -4.45 -3.78
N PHE A 142 8.74 -5.45 -4.64
CA PHE A 142 8.16 -6.72 -4.20
C PHE A 142 9.13 -7.65 -3.47
N LYS A 143 10.43 -7.37 -3.55
CA LYS A 143 11.42 -8.22 -2.90
C LYS A 143 12.45 -7.51 -2.02
N ASN A 144 12.41 -6.17 -1.98
CA ASN A 144 13.36 -5.41 -1.18
C ASN A 144 12.96 -5.43 0.30
N PRO A 145 13.82 -6.00 1.17
CA PRO A 145 13.55 -6.09 2.61
C PRO A 145 13.34 -4.74 3.31
N ALA A 146 13.86 -3.67 2.71
CA ALA A 146 13.71 -2.34 3.30
C ALA A 146 12.24 -1.90 3.27
N ASN A 147 11.47 -2.49 2.36
CA ASN A 147 10.04 -2.19 2.24
C ASN A 147 9.40 -2.65 3.56
N VAL A 148 9.63 -3.90 3.90
CA VAL A 148 9.11 -4.49 5.14
C VAL A 148 9.60 -3.71 6.36
N ARG A 149 10.89 -3.38 6.38
CA ARG A 149 11.48 -2.67 7.51
C ARG A 149 10.84 -1.31 7.77
N ALA A 150 10.39 -0.62 6.72
CA ALA A 150 9.74 0.66 6.90
C ALA A 150 8.54 0.50 7.83
N HIS A 151 7.76 -0.54 7.60
CA HIS A 151 6.57 -0.80 8.39
C HIS A 151 6.87 -1.39 9.76
N TYR A 152 7.98 -2.12 9.84
CA TYR A 152 8.39 -2.72 11.10
C TYR A 152 8.89 -1.62 12.04
N GLU A 153 9.52 -0.60 11.48
CA GLU A 153 10.07 0.50 12.28
C GLU A 153 9.19 1.73 12.46
N THR A 154 8.21 1.94 11.59
CA THR A 154 7.37 3.11 11.74
C THR A 154 5.88 2.81 11.84
N THR A 155 5.31 2.24 10.78
CA THR A 155 3.88 1.93 10.76
C THR A 155 3.44 1.07 11.95
N GLY A 156 4.16 -0.02 12.18
CA GLY A 156 3.82 -0.91 13.27
C GLY A 156 3.86 -0.23 14.63
N PRO A 157 4.99 0.39 14.99
CA PRO A 157 5.11 1.09 16.29
C PRO A 157 4.01 2.13 16.48
N GLU A 158 3.76 2.91 15.44
CA GLU A 158 2.73 3.94 15.49
C GLU A 158 1.35 3.38 15.83
N LEU A 159 0.98 2.32 15.13
CA LEU A 159 -0.32 1.69 15.32
C LEU A 159 -0.44 1.12 16.72
N TYR A 160 0.60 0.41 17.15
CA TYR A 160 0.65 -0.21 18.47
C TYR A 160 0.48 0.84 19.58
N GLU A 161 1.27 1.91 19.50
CA GLU A 161 1.22 2.98 20.48
C GLU A 161 -0.14 3.70 20.51
N ALA A 162 -0.63 4.08 19.34
CA ALA A 162 -1.91 4.78 19.25
C ALA A 162 -3.05 3.97 19.89
N LEU A 163 -3.04 2.66 19.69
CA LEU A 163 -4.08 1.81 20.24
C LEU A 163 -3.71 1.20 21.59
N GLU A 164 -2.70 1.79 22.24
CA GLU A 164 -2.24 1.37 23.55
C GLU A 164 -1.95 -0.13 23.72
N GLY A 165 -1.40 -0.74 22.67
CA GLY A 165 -1.08 -2.15 22.74
C GLY A 165 -2.28 -3.07 22.78
N ARG A 166 -3.47 -2.50 22.63
CA ARG A 166 -4.69 -3.28 22.67
C ARG A 166 -5.24 -3.52 21.25
N ILE A 167 -4.83 -4.63 20.65
CA ILE A 167 -5.25 -5.01 19.31
C ILE A 167 -5.45 -6.52 19.27
N ASP A 168 -6.65 -6.95 18.86
CA ASP A 168 -6.95 -8.37 18.79
C ASP A 168 -6.78 -8.93 17.39
N ALA A 169 -6.85 -8.04 16.39
CA ALA A 169 -6.68 -8.47 15.02
C ALA A 169 -6.23 -7.32 14.14
N PHE A 170 -5.34 -7.62 13.21
CA PHE A 170 -4.82 -6.64 12.26
C PHE A 170 -5.25 -7.13 10.88
N VAL A 171 -5.95 -6.27 10.13
CA VAL A 171 -6.45 -6.61 8.81
C VAL A 171 -5.89 -5.69 7.73
N TYR A 172 -5.37 -6.27 6.65
CA TYR A 172 -4.79 -5.47 5.57
C TYR A 172 -4.85 -6.12 4.19
N GLY A 173 -5.07 -5.28 3.17
CA GLY A 173 -5.14 -5.76 1.80
C GLY A 173 -3.74 -5.68 1.22
N SER A 174 -3.10 -6.84 1.11
CA SER A 174 -1.72 -6.94 0.65
C SER A 174 -1.44 -6.66 -0.83
N GLY A 175 -0.36 -5.91 -1.06
CA GLY A 175 0.09 -5.58 -2.41
C GLY A 175 1.47 -6.19 -2.52
N THR A 176 2.50 -5.44 -2.07
CA THR A 176 3.87 -5.94 -2.09
C THR A 176 4.10 -6.87 -0.90
N GLY A 177 3.22 -6.78 0.09
CA GLY A 177 3.36 -7.61 1.28
C GLY A 177 4.14 -6.92 2.39
N GLY A 178 4.76 -5.79 2.07
CA GLY A 178 5.55 -5.08 3.06
C GLY A 178 4.83 -4.67 4.33
N THR A 179 3.64 -4.09 4.18
CA THR A 179 2.86 -3.63 5.33
C THR A 179 2.41 -4.74 6.26
N ILE A 180 1.76 -5.76 5.73
CA ILE A 180 1.27 -6.83 6.58
C ILE A 180 2.41 -7.60 7.25
N THR A 181 3.55 -7.70 6.56
CA THR A 181 4.69 -8.41 7.13
C THR A 181 5.37 -7.57 8.21
N GLY A 182 5.62 -6.31 7.91
CA GLY A 182 6.27 -5.43 8.87
C GLY A 182 5.43 -5.17 10.11
N VAL A 183 4.18 -4.74 9.90
CA VAL A 183 3.29 -4.47 11.02
C VAL A 183 2.96 -5.79 11.72
N GLY A 184 2.70 -6.83 10.94
CA GLY A 184 2.36 -8.12 11.49
C GLY A 184 3.39 -8.67 12.46
N ARG A 185 4.66 -8.63 12.07
CA ARG A 185 5.72 -9.12 12.94
C ARG A 185 5.83 -8.26 14.18
N TYR A 186 5.77 -6.95 13.99
CA TYR A 186 5.87 -6.02 15.12
C TYR A 186 4.78 -6.31 16.15
N LEU A 187 3.56 -6.53 15.69
CA LEU A 187 2.45 -6.80 16.60
C LEU A 187 2.52 -8.17 17.26
N LYS A 188 2.88 -9.20 16.49
CA LYS A 188 2.96 -10.54 17.05
C LYS A 188 4.08 -10.70 18.08
N GLU A 189 5.12 -9.87 17.99
CA GLU A 189 6.21 -9.95 18.94
C GLU A 189 5.77 -9.39 20.30
N ARG A 190 4.71 -8.59 20.27
CA ARG A 190 4.22 -7.95 21.50
C ARG A 190 2.84 -8.39 21.97
N ILE A 191 2.01 -8.88 21.06
CA ILE A 191 0.67 -9.33 21.40
C ILE A 191 0.52 -10.81 21.03
N PRO A 192 0.71 -11.69 22.01
CA PRO A 192 0.62 -13.15 21.86
C PRO A 192 -0.59 -13.69 21.09
N HIS A 193 -1.75 -13.11 21.32
CA HIS A 193 -2.98 -13.59 20.68
C HIS A 193 -3.42 -12.87 19.40
N VAL A 194 -2.77 -11.77 19.05
CA VAL A 194 -3.18 -11.01 17.87
C VAL A 194 -3.24 -11.85 16.59
N LYS A 195 -4.31 -11.65 15.82
CA LYS A 195 -4.50 -12.36 14.56
C LYS A 195 -4.18 -11.43 13.39
N VAL A 196 -3.42 -11.93 12.43
CA VAL A 196 -3.05 -11.14 11.26
C VAL A 196 -3.81 -11.70 10.07
N ILE A 197 -4.77 -10.93 9.56
CA ILE A 197 -5.60 -11.36 8.44
C ILE A 197 -5.34 -10.59 7.15
N ALA A 198 -5.01 -11.32 6.09
CA ALA A 198 -4.76 -10.72 4.79
C ALA A 198 -6.07 -10.60 4.02
N VAL A 199 -6.17 -9.57 3.20
CA VAL A 199 -7.35 -9.34 2.39
C VAL A 199 -6.90 -9.31 0.93
N GLU A 200 -7.67 -9.96 0.06
CA GLU A 200 -7.34 -9.98 -1.35
C GLU A 200 -8.62 -9.98 -2.17
N PRO A 201 -8.54 -9.57 -3.44
CA PRO A 201 -9.71 -9.53 -4.32
C PRO A 201 -10.17 -10.95 -4.63
N ALA A 202 -11.47 -11.20 -4.51
CA ALA A 202 -11.99 -12.53 -4.83
C ALA A 202 -11.66 -12.81 -6.29
N ARG A 203 -11.57 -11.75 -7.09
CA ARG A 203 -11.27 -11.88 -8.51
C ARG A 203 -9.80 -12.18 -8.83
N SER A 204 -8.92 -12.13 -7.83
CA SER A 204 -7.50 -12.43 -8.01
C SER A 204 -7.05 -13.01 -6.67
N ASN A 205 -7.73 -14.08 -6.28
CA ASN A 205 -7.52 -14.75 -5.00
C ASN A 205 -6.42 -15.80 -4.94
N VAL A 206 -5.18 -15.42 -5.24
CA VAL A 206 -4.09 -16.39 -5.21
C VAL A 206 -3.70 -16.85 -3.81
N LEU A 207 -3.84 -15.99 -2.81
CA LEU A 207 -3.49 -16.37 -1.44
C LEU A 207 -4.48 -17.41 -0.91
N SER A 208 -5.69 -17.41 -1.47
CA SER A 208 -6.72 -18.34 -1.06
C SER A 208 -6.67 -19.63 -1.88
N GLY A 209 -5.69 -19.74 -2.76
CA GLY A 209 -5.55 -20.94 -3.57
C GLY A 209 -6.31 -20.83 -4.88
N GLY A 210 -6.74 -19.61 -5.21
CA GLY A 210 -7.47 -19.39 -6.45
C GLY A 210 -6.57 -18.96 -7.59
N LYS A 211 -7.12 -18.19 -8.53
CA LYS A 211 -6.36 -17.74 -9.70
C LYS A 211 -6.33 -16.23 -9.85
N MET A 212 -5.26 -15.73 -10.45
CA MET A 212 -5.11 -14.29 -10.67
C MET A 212 -6.20 -13.82 -11.64
N GLY A 213 -6.50 -12.52 -11.57
CA GLY A 213 -7.51 -11.96 -12.45
C GLY A 213 -7.57 -10.45 -12.34
N GLN A 214 -8.21 -9.84 -13.32
CA GLN A 214 -8.37 -8.39 -13.35
C GLN A 214 -9.35 -8.00 -12.24
N HIS A 215 -9.06 -6.90 -11.55
CA HIS A 215 -9.93 -6.43 -10.48
C HIS A 215 -9.80 -4.92 -10.32
N GLY A 216 -10.68 -4.31 -9.54
CA GLY A 216 -10.66 -2.86 -9.38
C GLY A 216 -10.04 -2.27 -8.12
N PHE A 217 -9.41 -3.10 -7.28
CA PHE A 217 -8.79 -2.58 -6.05
C PHE A 217 -7.36 -2.12 -6.31
N GLN A 218 -7.22 -0.98 -6.98
CA GLN A 218 -5.89 -0.46 -7.31
C GLN A 218 -4.95 -0.43 -6.11
N GLY A 219 -3.75 -0.98 -6.31
CA GLY A 219 -2.76 -0.99 -5.25
C GLY A 219 -2.62 -2.29 -4.49
N MET A 220 -3.65 -3.12 -4.48
CA MET A 220 -3.58 -4.41 -3.78
C MET A 220 -3.92 -5.56 -4.71
N GLY A 221 -3.59 -6.79 -4.29
CA GLY A 221 -3.88 -7.96 -5.08
C GLY A 221 -3.10 -7.98 -6.40
N PRO A 222 -1.78 -8.18 -6.33
CA PRO A 222 -0.92 -8.21 -7.52
C PRO A 222 -1.06 -9.46 -8.40
N GLY A 223 -1.81 -10.45 -7.94
CA GLY A 223 -1.99 -11.64 -8.75
C GLY A 223 -0.90 -12.68 -8.54
N PHE A 224 -0.01 -12.43 -7.59
CA PHE A 224 1.05 -13.36 -7.28
C PHE A 224 1.47 -13.19 -5.82
N ILE A 225 2.27 -14.13 -5.31
CA ILE A 225 2.73 -14.07 -3.92
C ILE A 225 4.13 -13.44 -3.92
N PRO A 226 4.24 -12.19 -3.45
CA PRO A 226 5.53 -11.50 -3.42
C PRO A 226 6.49 -12.03 -2.35
N GLU A 227 7.78 -11.86 -2.63
CA GLU A 227 8.82 -12.31 -1.70
C GLU A 227 8.70 -11.58 -0.37
N ASN A 228 8.21 -10.34 -0.39
CA ASN A 228 8.05 -9.56 0.84
C ASN A 228 6.88 -9.96 1.73
N LEU A 229 6.08 -10.92 1.27
CA LEU A 229 4.95 -11.37 2.07
C LEU A 229 5.32 -12.63 2.84
N ASP A 230 5.32 -12.55 4.17
CA ASP A 230 5.65 -13.70 5.01
C ASP A 230 4.36 -14.47 5.32
N LEU A 231 4.11 -15.51 4.56
CA LEU A 231 2.90 -16.32 4.73
C LEU A 231 2.75 -16.98 6.10
N SER A 232 3.86 -17.23 6.79
CA SER A 232 3.79 -17.86 8.10
C SER A 232 3.15 -16.97 9.16
N LEU A 233 3.04 -15.67 8.86
CA LEU A 233 2.43 -14.72 9.78
C LEU A 233 0.92 -14.70 9.72
N LEU A 234 0.37 -15.10 8.58
CA LEU A 234 -1.07 -15.07 8.35
C LEU A 234 -1.91 -16.07 9.13
N ASP A 235 -3.01 -15.57 9.70
CA ASP A 235 -3.93 -16.40 10.46
C ASP A 235 -5.17 -16.65 9.62
N GLY A 236 -5.22 -16.01 8.44
CA GLY A 236 -6.36 -16.18 7.57
C GLY A 236 -6.31 -15.24 6.38
N VAL A 237 -7.20 -15.48 5.42
CA VAL A 237 -7.29 -14.66 4.22
C VAL A 237 -8.76 -14.43 3.91
N ILE A 238 -9.14 -13.16 3.73
CA ILE A 238 -10.52 -12.81 3.39
C ILE A 238 -10.58 -12.30 1.97
N GLN A 239 -11.48 -12.88 1.17
CA GLN A 239 -11.65 -12.48 -0.22
C GLN A 239 -12.76 -11.43 -0.27
N VAL A 240 -12.56 -10.37 -1.04
CA VAL A 240 -13.55 -9.32 -1.13
C VAL A 240 -13.96 -8.98 -2.56
N TRP A 241 -15.23 -8.59 -2.72
CA TRP A 241 -15.77 -8.24 -4.01
C TRP A 241 -16.01 -6.73 -4.13
N GLU A 242 -15.73 -6.18 -5.31
CA GLU A 242 -15.93 -4.76 -5.53
C GLU A 242 -17.41 -4.42 -5.29
N GLU A 243 -18.29 -5.36 -5.62
CA GLU A 243 -19.73 -5.18 -5.45
C GLU A 243 -20.10 -4.86 -4.01
N ASP A 244 -19.30 -5.35 -3.07
CA ASP A 244 -19.54 -5.12 -1.65
C ASP A 244 -18.71 -3.96 -1.09
N ALA A 245 -17.47 -3.87 -1.53
CA ALA A 245 -16.54 -2.86 -1.05
C ALA A 245 -16.78 -1.42 -1.51
N PHE A 246 -17.16 -1.24 -2.77
CA PHE A 246 -17.39 0.10 -3.29
C PHE A 246 -18.56 0.79 -2.58
N PRO A 247 -19.68 0.07 -2.38
CA PRO A 247 -20.78 0.73 -1.68
C PRO A 247 -20.36 1.05 -0.25
N LEU A 248 -19.54 0.20 0.34
CA LEU A 248 -19.09 0.45 1.71
C LEU A 248 -18.18 1.66 1.75
N ALA A 249 -17.34 1.84 0.73
CA ALA A 249 -16.44 2.98 0.67
C ALA A 249 -17.27 4.27 0.59
N ARG A 250 -18.36 4.21 -0.17
CA ARG A 250 -19.22 5.37 -0.30
C ARG A 250 -19.90 5.66 1.05
N ARG A 251 -20.23 4.62 1.80
CA ARG A 251 -20.84 4.79 3.12
C ARG A 251 -19.85 5.46 4.07
N LEU A 252 -18.59 5.03 4.00
CA LEU A 252 -17.55 5.59 4.85
C LEU A 252 -17.41 7.09 4.62
N ALA A 253 -17.52 7.49 3.35
CA ALA A 253 -17.40 8.89 2.99
C ALA A 253 -18.59 9.70 3.50
N ARG A 254 -19.80 9.20 3.22
CA ARG A 254 -21.04 9.87 3.62
C ARG A 254 -21.42 9.79 5.10
N GLU A 255 -20.99 8.72 5.76
CA GLU A 255 -21.35 8.51 7.16
C GLU A 255 -20.24 8.73 8.19
N GLU A 256 -18.98 8.56 7.78
CA GLU A 256 -17.86 8.74 8.70
C GLU A 256 -17.02 9.96 8.32
N GLY A 257 -17.25 10.50 7.13
CA GLY A 257 -16.47 11.63 6.69
C GLY A 257 -15.09 11.16 6.26
N LEU A 258 -15.00 9.87 5.92
CA LEU A 258 -13.75 9.25 5.49
C LEU A 258 -13.82 8.93 3.99
N PHE A 259 -13.21 9.79 3.20
CA PHE A 259 -13.15 9.68 1.75
C PHE A 259 -11.88 8.90 1.41
N LEU A 260 -12.03 7.59 1.27
CA LEU A 260 -10.90 6.70 1.03
C LEU A 260 -10.81 6.07 -0.36
N GLY A 261 -9.68 5.40 -0.60
CA GLY A 261 -9.46 4.76 -1.88
C GLY A 261 -10.17 3.43 -2.05
N MET A 262 -10.06 2.87 -3.25
CA MET A 262 -10.68 1.62 -3.60
C MET A 262 -10.23 0.45 -2.69
N SER A 263 -8.93 0.33 -2.46
CA SER A 263 -8.43 -0.75 -1.61
C SER A 263 -8.93 -0.59 -0.18
N SER A 264 -9.14 0.65 0.26
CA SER A 264 -9.61 0.90 1.61
C SER A 264 -11.01 0.31 1.80
N GLY A 265 -11.84 0.40 0.76
CA GLY A 265 -13.18 -0.15 0.84
C GLY A 265 -13.14 -1.65 1.06
N GLY A 266 -12.23 -2.32 0.37
CA GLY A 266 -12.11 -3.75 0.51
C GLY A 266 -11.56 -4.15 1.87
N ILE A 267 -10.55 -3.40 2.32
CA ILE A 267 -9.92 -3.67 3.60
C ILE A 267 -10.88 -3.47 4.78
N VAL A 268 -11.62 -2.36 4.77
CA VAL A 268 -12.56 -2.09 5.85
C VAL A 268 -13.72 -3.09 5.84
N TRP A 269 -14.17 -3.50 4.65
CA TRP A 269 -15.25 -4.47 4.56
C TRP A 269 -14.81 -5.76 5.27
N ALA A 270 -13.56 -6.17 5.01
CA ALA A 270 -13.02 -7.37 5.63
C ALA A 270 -12.90 -7.17 7.13
N ALA A 271 -12.46 -5.99 7.53
CA ALA A 271 -12.30 -5.67 8.94
C ALA A 271 -13.63 -5.77 9.68
N LEU A 272 -14.71 -5.39 9.00
CA LEU A 272 -16.04 -5.45 9.62
C LEU A 272 -16.43 -6.92 9.86
N GLN A 273 -16.11 -7.77 8.90
CA GLN A 273 -16.43 -9.18 9.02
C GLN A 273 -15.68 -9.76 10.23
N VAL A 274 -14.41 -9.38 10.37
CA VAL A 274 -13.61 -9.85 11.48
C VAL A 274 -14.17 -9.29 12.79
N ALA A 275 -14.56 -8.02 12.76
CA ALA A 275 -15.11 -7.36 13.94
C ALA A 275 -16.36 -8.08 14.46
N ARG A 276 -17.21 -8.54 13.56
CA ARG A 276 -18.42 -9.24 13.97
C ARG A 276 -18.06 -10.59 14.59
N GLU A 277 -17.02 -11.22 14.06
CA GLU A 277 -16.58 -12.52 14.57
C GLU A 277 -16.01 -12.41 15.98
N LEU A 278 -15.18 -11.40 16.22
CA LEU A 278 -14.58 -11.21 17.53
C LEU A 278 -15.56 -10.73 18.58
N GLY A 279 -16.44 -9.81 18.20
CA GLY A 279 -17.43 -9.32 19.16
C GLY A 279 -17.07 -8.04 19.90
N PRO A 280 -18.05 -7.47 20.62
CA PRO A 280 -18.04 -6.24 21.43
C PRO A 280 -16.80 -5.79 22.19
N GLY A 281 -16.24 -6.64 23.04
CA GLY A 281 -15.08 -6.22 23.81
C GLY A 281 -13.72 -6.21 23.12
N LYS A 282 -13.67 -6.59 21.85
CA LYS A 282 -12.40 -6.64 21.14
C LYS A 282 -12.06 -5.42 20.30
N ARG A 283 -10.86 -5.44 19.72
CA ARG A 283 -10.39 -4.32 18.89
C ARG A 283 -9.74 -4.80 17.60
N VAL A 284 -10.30 -4.36 16.48
CA VAL A 284 -9.79 -4.72 15.17
C VAL A 284 -9.13 -3.48 14.58
N ALA A 285 -7.89 -3.63 14.11
CA ALA A 285 -7.17 -2.52 13.52
C ALA A 285 -6.90 -2.82 12.06
N CYS A 286 -7.02 -1.80 11.21
CA CYS A 286 -6.74 -1.97 9.79
C CYS A 286 -6.13 -0.67 9.28
N ILE A 287 -5.65 -0.68 8.05
CA ILE A 287 -5.03 0.51 7.50
C ILE A 287 -5.63 0.91 6.15
N SER A 288 -5.87 2.21 5.98
CA SER A 288 -6.38 2.76 4.74
C SER A 288 -5.15 3.20 3.94
N PRO A 289 -4.84 2.50 2.84
CA PRO A 289 -3.68 2.82 2.00
C PRO A 289 -3.65 4.24 1.45
N ASP A 290 -4.78 4.74 0.96
CA ASP A 290 -4.84 6.10 0.43
C ASP A 290 -6.24 6.67 0.43
N GLY A 291 -6.34 7.97 0.11
CA GLY A 291 -7.63 8.63 0.09
C GLY A 291 -8.33 8.47 -1.24
N GLY A 292 -9.52 9.05 -1.36
CA GLY A 292 -10.26 8.93 -2.60
C GLY A 292 -9.88 9.92 -3.68
N TRP A 293 -8.99 10.86 -3.35
CA TRP A 293 -8.56 11.90 -4.29
C TRP A 293 -8.14 11.50 -5.69
N LYS A 294 -7.44 10.38 -5.83
CA LYS A 294 -7.01 9.94 -7.15
C LYS A 294 -8.05 9.10 -7.88
N TYR A 295 -9.21 8.89 -7.27
CA TYR A 295 -10.20 8.03 -7.90
C TYR A 295 -11.56 8.63 -8.25
N LEU A 296 -11.61 9.93 -8.52
CA LEU A 296 -12.87 10.56 -8.86
C LEU A 296 -13.38 10.17 -10.26
N SER A 297 -12.50 9.62 -11.08
CA SER A 297 -12.88 9.20 -12.43
C SER A 297 -13.00 7.69 -12.53
N THR A 298 -13.27 7.03 -11.40
CA THR A 298 -13.42 5.59 -11.38
C THR A 298 -14.84 5.28 -10.94
N PRO A 299 -15.31 4.04 -11.16
CA PRO A 299 -16.67 3.68 -10.77
C PRO A 299 -16.96 3.84 -9.27
N LEU A 300 -15.92 3.92 -8.45
CA LEU A 300 -16.12 4.09 -7.02
C LEU A 300 -16.84 5.39 -6.70
N TYR A 301 -16.41 6.48 -7.32
CA TYR A 301 -17.01 7.79 -7.07
C TYR A 301 -17.61 8.48 -8.29
N ALA A 302 -17.51 7.87 -9.46
CA ALA A 302 -18.06 8.47 -10.67
C ALA A 302 -19.56 8.20 -10.80
#